data_5AM2
#
_entry.id   5AM2
#
_cell.length_a   92.605
_cell.length_b   92.605
_cell.length_c   245.663
_cell.angle_alpha   90.00
_cell.angle_beta   90.00
_cell.angle_gamma   120.00
#
_symmetry.space_group_name_H-M   'P 65 2 2'
#
loop_
_entity.id
_entity.type
_entity.pdbx_description
1 polymer 'BIFUNCTIONAL EPOXIDE HYDROLASE 2'
2 non-polymer 'SULFATE ION'
3 non-polymer 'DIMETHYL SULFOXIDE'
4 non-polymer DI(HYDROXYETHYL)ETHER
5 non-polymer 7-METHYL-2H-ISOQUINOLIN-1-ONE
6 water water
#
_entity_poly.entity_id   1
_entity_poly.type   'polypeptide(L)'
_entity_poly.pdbx_seq_one_letter_code
;GMTLRAAVFDLDGVLALPAVFGVLGRTEEALALPRGLLNDAFQKGGPEGATTRLMKGEITLSQWIPLMEENCRKCSETAK
VCLPKNFSIKEIFDKAISARKINRPMLQAALMLRKKGFTTAILTNTWLDDRAERDGLAQLMCELKMHFDFLIESCQVGMV
KPEPQIYKFLLDTLKASPSEVVFLDDIGANLKPARDLGMVTILVQDTDTALKELEKVTGIQLLNTPAPLPTSCNPSDMSH
GYVTVKPRVRLHFVELGSGPAVCLCHGFPESWYSWRYQIPALAQAGYRVLAMDMKGYGESSAPPEIEEYCMEVLCKEMVT
FLDKLGLSQAVFIGHDWGGMLVWYMALFYPERVRAVASLNTPFIPANPNMSPLESIKANPVFDYQLYFQEPGVAEAELEQ
NLSRTFKSLFRASDESVLSMHKVCEAGGLFVNSPEEPSLSRMVTEEEIQFYVQQFKKSGFRGPLNWYRNMERNWKWACKS
LGRKILIPALMVTAEKDFVLVPQMSQHMEDWIPHLKRGHIEDCGHWTQMDKPTEVNQILIKWLDSDARN
;
_entity_poly.pdbx_strand_id   A
#
loop_
_chem_comp.id
_chem_comp.type
_chem_comp.name
_chem_comp.formula
DMS non-polymer 'DIMETHYL SULFOXIDE' 'C2 H6 O S'
KUF non-polymer 7-METHYL-2H-ISOQUINOLIN-1-ONE 'C10 H9 N O'
PEG non-polymer DI(HYDROXYETHYL)ETHER 'C4 H10 O3'
SO4 non-polymer 'SULFATE ION' 'O4 S -2'
#
# COMPACT_ATOMS: atom_id res chain seq x y z
N THR A 3 11.83 -22.82 -23.09
CA THR A 3 10.69 -22.38 -22.28
C THR A 3 11.08 -21.21 -21.35
N LEU A 4 10.31 -20.10 -21.41
CA LEU A 4 10.61 -18.89 -20.65
C LEU A 4 10.31 -18.98 -19.17
N ARG A 5 11.25 -18.52 -18.35
CA ARG A 5 11.13 -18.56 -16.90
C ARG A 5 11.50 -17.22 -16.21
N ALA A 6 12.12 -16.29 -16.96
CA ALA A 6 12.55 -14.99 -16.44
C ALA A 6 12.33 -13.86 -17.41
N ALA A 7 12.05 -12.64 -16.90
CA ALA A 7 11.83 -11.44 -17.72
C ALA A 7 12.66 -10.30 -17.19
N VAL A 8 13.43 -9.68 -18.09
CA VAL A 8 14.32 -8.59 -17.73
C VAL A 8 13.88 -7.33 -18.45
N PHE A 9 13.81 -6.21 -17.72
CA PHE A 9 13.37 -4.93 -18.26
C PHE A 9 14.36 -3.83 -18.08
N ASP A 10 14.49 -2.98 -19.09
CA ASP A 10 15.33 -1.79 -18.97
C ASP A 10 14.49 -0.74 -18.18
N LEU A 11 15.13 0.29 -17.66
CA LEU A 11 14.45 1.35 -16.92
C LEU A 11 14.06 2.49 -17.87
N ASP A 12 15.05 3.25 -18.33
CA ASP A 12 14.78 4.38 -19.22
C ASP A 12 14.15 3.92 -20.54
N GLY A 13 12.95 4.43 -20.82
CA GLY A 13 12.22 4.10 -22.04
C GLY A 13 11.43 2.81 -22.03
N VAL A 14 11.54 2.04 -20.95
CA VAL A 14 10.82 0.79 -20.85
C VAL A 14 9.92 0.84 -19.61
N LEU A 15 10.50 0.82 -18.38
CA LEU A 15 9.66 0.93 -17.16
C LEU A 15 9.36 2.37 -16.76
N ALA A 16 10.08 3.33 -17.36
CA ALA A 16 9.93 4.75 -17.03
C ALA A 16 9.93 5.60 -18.29
N LEU A 17 8.93 6.51 -18.39
CA LEU A 17 8.67 7.40 -19.54
C LEU A 17 8.31 8.84 -19.13
N PRO A 18 8.66 9.86 -19.95
CA PRO A 18 9.49 9.78 -21.16
C PRO A 18 10.96 9.53 -20.81
N ALA A 19 11.65 8.80 -21.68
CA ALA A 19 13.07 8.48 -21.54
C ALA A 19 13.88 9.76 -21.34
N VAL A 20 14.84 9.73 -20.39
CA VAL A 20 15.73 10.86 -20.08
C VAL A 20 16.55 11.25 -21.35
N PHE A 21 16.54 10.38 -22.37
CA PHE A 21 17.19 10.60 -23.67
C PHE A 21 16.38 11.51 -24.58
N GLY A 22 15.08 11.24 -24.72
CA GLY A 22 14.15 12.04 -25.53
C GLY A 22 13.85 13.37 -24.88
N VAL A 23 14.92 14.07 -24.50
CA VAL A 23 14.97 15.39 -23.86
C VAL A 23 16.13 16.10 -24.56
N LEU A 24 17.20 15.35 -24.88
CA LEU A 24 18.36 15.87 -25.61
C LEU A 24 17.89 16.31 -27.01
N GLY A 25 17.05 15.47 -27.65
CA GLY A 25 16.44 15.72 -28.95
C GLY A 25 15.41 16.82 -28.91
N ARG A 26 14.61 16.89 -27.81
CA ARG A 26 13.59 17.92 -27.60
C ARG A 26 14.25 19.27 -27.33
N THR A 27 15.28 19.30 -26.46
CA THR A 27 16.03 20.54 -26.15
C THR A 27 16.62 21.11 -27.44
N GLU A 28 17.24 20.24 -28.26
CA GLU A 28 17.79 20.61 -29.56
C GLU A 28 16.73 21.32 -30.41
N GLU A 29 15.54 20.70 -30.57
CA GLU A 29 14.43 21.26 -31.36
C GLU A 29 13.87 22.55 -30.77
N ALA A 30 13.63 22.58 -29.44
CA ALA A 30 13.12 23.75 -28.72
C ALA A 30 14.09 24.93 -28.81
N LEU A 31 15.40 24.65 -28.81
CA LEU A 31 16.41 25.71 -28.88
C LEU A 31 17.00 25.89 -30.29
N ALA A 32 16.41 25.21 -31.30
CA ALA A 32 16.84 25.23 -32.70
C ALA A 32 18.39 25.07 -32.86
N LEU A 33 18.95 24.09 -32.13
CA LEU A 33 20.38 23.80 -32.18
C LEU A 33 20.64 22.81 -33.33
N PRO A 34 21.88 22.67 -33.87
CA PRO A 34 22.12 21.63 -34.88
C PRO A 34 21.67 20.28 -34.35
N ARG A 35 21.00 19.50 -35.20
CA ARG A 35 20.47 18.19 -34.81
C ARG A 35 21.56 17.28 -34.26
N GLY A 36 21.20 16.53 -33.22
CA GLY A 36 22.07 15.57 -32.57
C GLY A 36 23.23 16.11 -31.75
N LEU A 37 23.43 17.46 -31.71
CA LEU A 37 24.54 18.08 -30.97
C LEU A 37 24.61 17.69 -29.48
N LEU A 38 23.49 17.79 -28.76
CA LEU A 38 23.46 17.43 -27.34
C LEU A 38 23.58 15.91 -27.15
N ASN A 39 23.04 15.12 -28.09
CA ASN A 39 23.14 13.66 -28.06
C ASN A 39 24.57 13.22 -28.37
N ASP A 40 25.34 14.08 -29.10
CA ASP A 40 26.75 13.87 -29.45
C ASP A 40 27.60 14.07 -28.20
N ALA A 41 27.47 15.28 -27.58
CA ALA A 41 28.21 15.68 -26.38
C ALA A 41 27.99 14.70 -25.22
N PHE A 42 26.76 14.13 -25.12
CA PHE A 42 26.40 13.13 -24.12
C PHE A 42 27.19 11.82 -24.36
N GLN A 43 27.39 11.46 -25.63
CA GLN A 43 28.05 10.22 -26.02
C GLN A 43 29.57 10.29 -26.26
N LYS A 44 30.16 11.50 -26.15
CA LYS A 44 31.59 11.76 -26.42
C LYS A 44 32.60 10.82 -25.72
N GLY A 45 33.57 10.34 -26.49
CA GLY A 45 34.62 9.46 -25.99
C GLY A 45 34.27 7.98 -25.97
N GLY A 46 33.00 7.66 -26.22
CA GLY A 46 32.47 6.30 -26.23
C GLY A 46 32.72 5.57 -24.92
N PRO A 47 33.35 4.37 -24.98
CA PRO A 47 33.64 3.62 -23.73
C PRO A 47 34.72 4.25 -22.84
N GLU A 48 35.34 5.34 -23.32
CA GLU A 48 36.39 6.05 -22.58
C GLU A 48 35.92 7.39 -22.00
N GLY A 49 34.84 7.92 -22.54
CA GLY A 49 34.29 9.22 -22.16
C GLY A 49 33.62 9.32 -20.80
N ALA A 50 33.33 10.59 -20.42
CA ALA A 50 32.70 11.01 -19.17
C ALA A 50 31.43 10.20 -18.85
N THR A 51 30.55 10.01 -19.86
CA THR A 51 29.30 9.27 -19.65
C THR A 51 29.49 7.83 -19.26
N THR A 52 30.44 7.11 -19.89
CA THR A 52 30.73 5.72 -19.54
C THR A 52 31.25 5.62 -18.09
N ARG A 53 32.06 6.61 -17.66
CA ARG A 53 32.63 6.71 -16.31
C ARG A 53 31.51 6.90 -15.30
N LEU A 54 30.57 7.80 -15.60
CA LEU A 54 29.36 8.06 -14.81
C LEU A 54 28.57 6.76 -14.66
N MET A 55 28.24 6.12 -15.81
CA MET A 55 27.46 4.90 -15.81
C MET A 55 28.12 3.72 -15.08
N LYS A 56 29.46 3.67 -15.02
CA LYS A 56 30.15 2.57 -14.33
C LYS A 56 30.33 2.86 -12.84
N GLY A 57 30.00 4.08 -12.41
CA GLY A 57 30.08 4.50 -11.01
C GLY A 57 31.42 5.08 -10.63
N GLU A 58 32.25 5.43 -11.63
CA GLU A 58 33.57 6.00 -11.36
C GLU A 58 33.46 7.38 -10.80
N ILE A 59 32.44 8.13 -11.26
CA ILE A 59 32.14 9.51 -10.86
C ILE A 59 30.64 9.64 -10.59
N THR A 60 30.26 10.66 -9.84
CA THR A 60 28.84 10.90 -9.54
C THR A 60 28.25 11.82 -10.58
N LEU A 61 26.91 11.96 -10.57
CA LEU A 61 26.20 12.85 -11.50
C LEU A 61 26.67 14.29 -11.35
N SER A 62 26.83 14.78 -10.10
CA SER A 62 27.31 16.14 -9.89
C SER A 62 28.71 16.39 -10.44
N GLN A 63 29.59 15.36 -10.45
CA GLN A 63 30.93 15.50 -11.05
C GLN A 63 30.80 15.47 -12.59
N TRP A 64 29.83 14.72 -13.12
CA TRP A 64 29.62 14.59 -14.58
C TRP A 64 29.08 15.89 -15.24
N ILE A 65 28.18 16.61 -14.56
CA ILE A 65 27.58 17.86 -15.08
C ILE A 65 28.61 18.81 -15.73
N PRO A 66 29.72 19.25 -15.08
CA PRO A 66 30.70 20.11 -15.76
C PRO A 66 31.47 19.43 -16.91
N LEU A 67 31.59 18.09 -16.89
CA LEU A 67 32.27 17.34 -17.95
C LEU A 67 31.40 17.34 -19.23
N MET A 68 30.06 17.17 -19.06
CA MET A 68 29.10 17.19 -20.17
C MET A 68 29.05 18.61 -20.79
N GLU A 69 29.10 19.66 -19.94
CA GLU A 69 29.11 21.07 -20.34
C GLU A 69 30.28 21.34 -21.29
N GLU A 70 31.48 20.84 -20.91
CA GLU A 70 32.71 20.95 -21.69
C GLU A 70 32.55 20.21 -23.04
N ASN A 71 31.95 19.00 -23.02
CA ASN A 71 31.70 18.24 -24.25
C ASN A 71 30.77 19.00 -25.21
N CYS A 72 29.76 19.73 -24.65
CA CYS A 72 28.80 20.55 -25.38
C CYS A 72 29.44 21.70 -26.13
N ARG A 73 30.40 22.41 -25.49
CA ARG A 73 31.13 23.52 -26.11
C ARG A 73 32.03 23.03 -27.26
N LYS A 74 32.64 21.83 -27.09
CA LYS A 74 33.50 21.22 -28.10
C LYS A 74 32.67 20.83 -29.33
N CYS A 75 31.47 20.23 -29.10
CA CYS A 75 30.57 19.84 -30.18
C CYS A 75 29.97 21.04 -30.91
N SER A 76 29.73 22.16 -30.18
CA SER A 76 29.22 23.41 -30.76
C SER A 76 30.28 24.08 -31.65
N GLU A 77 31.56 23.98 -31.22
CA GLU A 77 32.75 24.52 -31.89
C GLU A 77 32.96 23.81 -33.23
N THR A 78 32.86 22.47 -33.25
CA THR A 78 33.02 21.63 -34.44
C THR A 78 31.96 22.01 -35.49
N ALA A 79 30.69 22.16 -35.03
CA ALA A 79 29.53 22.50 -35.85
C ALA A 79 29.43 23.98 -36.25
N LYS A 80 30.19 24.89 -35.58
CA LYS A 80 30.23 26.34 -35.81
C LYS A 80 28.87 27.01 -35.53
N VAL A 81 28.44 26.99 -34.25
CA VAL A 81 27.17 27.55 -33.80
C VAL A 81 27.27 28.47 -32.59
N PHE A 87 21.91 29.08 -20.40
CA PHE A 87 21.81 27.68 -20.77
C PHE A 87 22.48 26.80 -19.73
N SER A 88 21.71 25.83 -19.17
CA SER A 88 22.19 24.94 -18.12
C SER A 88 21.87 23.46 -18.36
N ILE A 89 22.94 22.63 -18.40
CA ILE A 89 22.86 21.17 -18.52
C ILE A 89 22.15 20.63 -17.27
N LYS A 90 22.47 21.22 -16.11
CA LYS A 90 21.86 20.86 -14.82
C LYS A 90 20.34 20.98 -14.90
N GLU A 91 19.83 22.15 -15.36
CA GLU A 91 18.40 22.44 -15.50
C GLU A 91 17.71 21.44 -16.46
N ILE A 92 18.35 21.12 -17.59
CA ILE A 92 17.80 20.17 -18.59
C ILE A 92 17.60 18.78 -17.96
N PHE A 93 18.65 18.27 -17.30
CA PHE A 93 18.60 16.95 -16.66
C PHE A 93 17.67 16.91 -15.46
N ASP A 94 17.62 18.00 -14.64
CA ASP A 94 16.73 18.10 -13.50
C ASP A 94 15.28 17.96 -13.96
N LYS A 95 14.90 18.66 -15.05
CA LYS A 95 13.56 18.64 -15.63
C LYS A 95 13.23 17.29 -16.26
N ALA A 96 14.18 16.70 -17.01
CA ALA A 96 14.04 15.39 -17.63
C ALA A 96 13.79 14.27 -16.58
N ILE A 97 14.57 14.27 -15.48
CA ILE A 97 14.45 13.27 -14.40
C ILE A 97 13.09 13.36 -13.69
N SER A 98 12.66 14.58 -13.31
CA SER A 98 11.39 14.79 -12.62
C SER A 98 10.15 14.56 -13.50
N ALA A 99 10.29 14.64 -14.83
CA ALA A 99 9.17 14.40 -15.73
C ALA A 99 9.00 12.92 -16.01
N ARG A 100 10.08 12.14 -15.80
CA ARG A 100 10.07 10.70 -16.01
C ARG A 100 9.21 10.01 -14.93
N LYS A 101 8.16 9.33 -15.37
CA LYS A 101 7.21 8.63 -14.49
C LYS A 101 7.25 7.17 -14.84
N ILE A 102 6.77 6.33 -13.91
CA ILE A 102 6.66 4.89 -14.12
C ILE A 102 5.69 4.66 -15.26
N ASN A 103 6.05 3.74 -16.16
CA ASN A 103 5.22 3.31 -17.27
C ASN A 103 4.29 2.25 -16.69
N ARG A 104 3.10 2.69 -16.21
CA ARG A 104 2.16 1.78 -15.54
C ARG A 104 1.80 0.49 -16.26
N PRO A 105 1.42 0.49 -17.57
CA PRO A 105 1.13 -0.77 -18.25
C PRO A 105 2.34 -1.73 -18.30
N MET A 106 3.56 -1.21 -18.41
CA MET A 106 4.78 -2.05 -18.45
C MET A 106 5.00 -2.67 -17.07
N LEU A 107 4.85 -1.84 -15.99
CA LEU A 107 4.96 -2.37 -14.64
C LEU A 107 3.92 -3.46 -14.39
N GLN A 108 2.66 -3.21 -14.81
CA GLN A 108 1.59 -4.22 -14.65
C GLN A 108 1.89 -5.52 -15.36
N ALA A 109 2.51 -5.45 -16.57
CA ALA A 109 2.91 -6.66 -17.29
C ALA A 109 4.02 -7.40 -16.48
N ALA A 110 5.04 -6.66 -15.97
CA ALA A 110 6.09 -7.30 -15.12
C ALA A 110 5.46 -7.97 -13.90
N LEU A 111 4.47 -7.30 -13.26
CA LEU A 111 3.75 -7.86 -12.11
C LEU A 111 2.98 -9.15 -12.41
N MET A 112 2.32 -9.21 -13.57
CA MET A 112 1.56 -10.38 -14.00
C MET A 112 2.49 -11.57 -14.28
N LEU A 113 3.63 -11.32 -14.95
CA LEU A 113 4.61 -12.38 -15.22
C LEU A 113 5.15 -12.97 -13.91
N ARG A 114 5.52 -12.11 -12.93
CA ARG A 114 6.00 -12.63 -11.63
C ARG A 114 4.94 -13.46 -10.90
N LYS A 115 3.68 -13.00 -10.92
CA LYS A 115 2.53 -13.68 -10.30
C LYS A 115 2.35 -15.09 -10.90
N LYS A 116 2.69 -15.25 -12.19
CA LYS A 116 2.63 -16.52 -12.90
C LYS A 116 3.92 -17.39 -12.76
N GLY A 117 4.83 -17.00 -11.86
CA GLY A 117 6.05 -17.75 -11.59
C GLY A 117 7.34 -17.29 -12.25
N PHE A 118 7.31 -16.19 -13.02
CA PHE A 118 8.52 -15.68 -13.66
C PHE A 118 9.43 -15.01 -12.66
N THR A 119 10.75 -15.11 -12.89
CA THR A 119 11.73 -14.37 -12.11
C THR A 119 11.87 -13.06 -12.87
N THR A 120 11.71 -11.91 -12.20
CA THR A 120 11.84 -10.63 -12.91
C THR A 120 13.00 -9.80 -12.42
N ALA A 121 13.58 -9.01 -13.33
CA ALA A 121 14.68 -8.14 -13.01
C ALA A 121 14.67 -6.86 -13.79
N ILE A 122 15.27 -5.83 -13.21
CA ILE A 122 15.49 -4.57 -13.88
C ILE A 122 17.00 -4.55 -14.15
N LEU A 123 17.40 -4.33 -15.41
CA LEU A 123 18.80 -4.16 -15.78
C LEU A 123 18.93 -2.75 -16.37
N THR A 124 19.68 -1.88 -15.72
CA THR A 124 19.74 -0.48 -16.14
C THR A 124 21.12 0.17 -16.13
N ASN A 125 21.37 1.07 -17.12
CA ASN A 125 22.56 1.89 -17.19
C ASN A 125 22.14 3.15 -16.43
N THR A 126 22.66 3.30 -15.20
CA THR A 126 22.29 4.43 -14.35
C THR A 126 23.50 5.05 -13.66
N TRP A 127 23.26 6.06 -12.83
CA TRP A 127 24.31 6.84 -12.19
C TRP A 127 24.13 6.97 -10.68
N LEU A 128 25.20 7.41 -10.00
CA LEU A 128 25.16 7.74 -8.58
C LEU A 128 24.70 9.18 -8.52
N ASP A 129 23.43 9.38 -8.09
CA ASP A 129 22.79 10.69 -8.03
C ASP A 129 22.96 11.38 -6.69
N ASP A 130 23.81 12.41 -6.68
CA ASP A 130 24.10 13.26 -5.53
C ASP A 130 23.59 14.68 -5.72
N ARG A 131 22.65 14.88 -6.66
CA ARG A 131 22.06 16.22 -6.87
C ARG A 131 21.22 16.61 -5.67
N ALA A 132 21.03 17.93 -5.42
CA ALA A 132 20.18 18.38 -4.32
C ALA A 132 18.74 17.82 -4.47
N GLU A 133 18.31 17.52 -5.73
CA GLU A 133 16.99 16.98 -6.06
C GLU A 133 16.92 15.45 -6.20
N ARG A 134 18.00 14.74 -5.76
CA ARG A 134 18.08 13.27 -5.87
C ARG A 134 16.90 12.47 -5.29
N ASP A 135 16.19 13.02 -4.29
CA ASP A 135 15.06 12.31 -3.67
C ASP A 135 13.97 11.87 -4.66
N GLY A 136 13.69 12.69 -5.68
CA GLY A 136 12.68 12.34 -6.69
C GLY A 136 12.96 11.00 -7.35
N LEU A 137 14.21 10.80 -7.81
CA LEU A 137 14.66 9.56 -8.41
C LEU A 137 14.72 8.43 -7.39
N ALA A 138 15.19 8.70 -6.14
CA ALA A 138 15.24 7.71 -5.07
C ALA A 138 13.82 7.13 -4.87
N GLN A 139 12.81 8.02 -4.87
CA GLN A 139 11.41 7.65 -4.70
C GLN A 139 10.91 6.75 -5.82
N LEU A 140 11.26 7.11 -7.07
CA LEU A 140 10.88 6.33 -8.26
C LEU A 140 11.51 4.94 -8.21
N MET A 141 12.82 4.86 -7.93
CA MET A 141 13.50 3.58 -7.87
C MET A 141 12.96 2.70 -6.75
N CYS A 142 12.72 3.29 -5.56
CA CYS A 142 12.18 2.58 -4.40
C CYS A 142 10.80 1.98 -4.73
N GLU A 143 9.88 2.73 -5.38
CA GLU A 143 8.57 2.19 -5.76
C GLU A 143 8.68 1.05 -6.78
N LEU A 144 9.49 1.26 -7.81
CA LEU A 144 9.68 0.27 -8.85
C LEU A 144 10.34 -1.03 -8.37
N LYS A 145 11.50 -0.93 -7.70
CA LYS A 145 12.32 -2.11 -7.33
C LYS A 145 11.67 -3.17 -6.49
N MET A 146 10.74 -2.75 -5.59
N MET A 146 10.77 -2.77 -5.59
CA MET A 146 9.97 -3.63 -4.70
CA MET A 146 10.11 -3.70 -4.70
C MET A 146 9.22 -4.74 -5.44
C MET A 146 9.15 -4.71 -5.39
N HIS A 147 8.86 -4.48 -6.71
CA HIS A 147 8.04 -5.38 -7.54
C HIS A 147 8.85 -6.39 -8.34
N PHE A 148 10.18 -6.34 -8.24
CA PHE A 148 11.11 -7.23 -8.98
C PHE A 148 11.97 -8.06 -8.07
N ASP A 149 12.43 -9.21 -8.57
CA ASP A 149 13.33 -10.08 -7.80
C ASP A 149 14.72 -9.48 -7.72
N PHE A 150 15.15 -8.81 -8.81
CA PHE A 150 16.49 -8.21 -8.90
C PHE A 150 16.50 -6.85 -9.56
N LEU A 151 17.41 -6.00 -9.11
CA LEU A 151 17.70 -4.69 -9.66
C LEU A 151 19.21 -4.63 -9.89
N ILE A 152 19.63 -4.61 -11.15
CA ILE A 152 21.05 -4.56 -11.51
C ILE A 152 21.31 -3.19 -12.11
N GLU A 153 22.13 -2.40 -11.40
CA GLU A 153 22.47 -1.04 -11.78
C GLU A 153 23.91 -1.00 -12.22
N SER A 154 24.15 -0.49 -13.42
CA SER A 154 25.49 -0.35 -13.99
C SER A 154 26.51 0.29 -13.03
N CYS A 155 26.13 1.40 -12.38
CA CYS A 155 27.00 2.16 -11.47
C CYS A 155 27.34 1.42 -10.17
N GLN A 156 26.62 0.33 -9.88
CA GLN A 156 26.88 -0.50 -8.70
C GLN A 156 27.73 -1.73 -9.06
N VAL A 157 27.57 -2.24 -10.28
CA VAL A 157 28.34 -3.41 -10.74
C VAL A 157 29.61 -3.07 -11.54
N GLY A 158 29.77 -1.79 -11.89
CA GLY A 158 30.91 -1.30 -12.63
C GLY A 158 31.04 -1.82 -14.04
N MET A 159 29.88 -2.17 -14.65
CA MET A 159 29.77 -2.71 -16.01
C MET A 159 28.58 -2.01 -16.67
N VAL A 160 28.60 -1.87 -17.98
CA VAL A 160 27.49 -1.21 -18.67
C VAL A 160 27.03 -2.05 -19.83
N LYS A 161 25.77 -1.88 -20.24
CA LYS A 161 25.28 -2.46 -21.48
C LYS A 161 25.92 -1.52 -22.54
N PRO A 162 26.45 -2.00 -23.69
CA PRO A 162 26.39 -3.35 -24.26
C PRO A 162 27.54 -4.31 -23.96
N GLU A 163 28.40 -4.03 -22.95
CA GLU A 163 29.55 -4.90 -22.60
C GLU A 163 29.09 -6.33 -22.36
N PRO A 164 29.70 -7.36 -23.00
CA PRO A 164 29.18 -8.73 -22.86
C PRO A 164 29.09 -9.28 -21.42
N GLN A 165 30.02 -8.87 -20.53
CA GLN A 165 30.06 -9.36 -19.15
C GLN A 165 28.84 -9.01 -18.29
N ILE A 166 28.19 -7.85 -18.53
CA ILE A 166 26.96 -7.53 -17.78
C ILE A 166 25.82 -8.57 -18.05
N TYR A 167 25.82 -9.21 -19.26
CA TYR A 167 24.83 -10.22 -19.64
C TYR A 167 25.09 -11.55 -18.98
N LYS A 168 26.38 -11.95 -18.88
CA LYS A 168 26.74 -13.19 -18.20
C LYS A 168 26.44 -13.02 -16.70
N PHE A 169 26.68 -11.80 -16.17
CA PHE A 169 26.39 -11.41 -14.77
C PHE A 169 24.89 -11.52 -14.54
N LEU A 170 24.09 -11.01 -15.49
CA LEU A 170 22.63 -11.09 -15.43
C LEU A 170 22.19 -12.55 -15.37
N LEU A 171 22.68 -13.41 -16.29
CA LEU A 171 22.34 -14.84 -16.34
C LEU A 171 22.68 -15.54 -15.03
N ASP A 172 23.84 -15.21 -14.46
CA ASP A 172 24.32 -15.80 -13.22
C ASP A 172 23.43 -15.38 -12.06
N THR A 173 22.97 -14.10 -12.07
CA THR A 173 22.07 -13.55 -11.06
C THR A 173 20.72 -14.25 -11.13
N LEU A 174 20.18 -14.45 -12.35
CA LEU A 174 18.89 -15.11 -12.56
C LEU A 174 18.93 -16.63 -12.31
N LYS A 175 20.14 -17.25 -12.45
CA LYS A 175 20.34 -18.71 -12.32
C LYS A 175 19.51 -19.39 -13.42
N ALA A 176 19.60 -18.83 -14.62
CA ALA A 176 18.85 -19.26 -15.79
C ALA A 176 19.74 -19.29 -17.02
N SER A 177 19.43 -20.20 -17.96
CA SER A 177 20.17 -20.29 -19.22
C SER A 177 19.56 -19.26 -20.17
N PRO A 178 20.32 -18.69 -21.14
CA PRO A 178 19.75 -17.66 -22.02
C PRO A 178 18.38 -17.91 -22.65
N SER A 179 18.11 -19.15 -23.12
CA SER A 179 16.83 -19.48 -23.75
C SER A 179 15.59 -19.29 -22.85
N GLU A 180 15.80 -19.33 -21.51
CA GLU A 180 14.75 -19.17 -20.48
C GLU A 180 14.43 -17.69 -20.19
N VAL A 181 15.19 -16.75 -20.75
CA VAL A 181 15.07 -15.32 -20.48
C VAL A 181 14.50 -14.51 -21.64
N VAL A 182 13.55 -13.61 -21.33
CA VAL A 182 13.06 -12.62 -22.27
C VAL A 182 13.60 -11.29 -21.78
N PHE A 183 14.16 -10.51 -22.69
CA PHE A 183 14.86 -9.28 -22.38
C PHE A 183 14.30 -8.10 -23.17
N LEU A 184 13.78 -7.07 -22.46
CA LEU A 184 13.18 -5.89 -23.09
C LEU A 184 14.02 -4.63 -22.97
N ASP A 185 14.30 -3.99 -24.11
CA ASP A 185 15.12 -2.77 -24.08
C ASP A 185 14.68 -1.85 -25.20
N ASP A 186 14.85 -0.54 -25.03
CA ASP A 186 14.48 0.41 -26.08
C ASP A 186 15.67 0.76 -27.00
N ILE A 187 16.87 0.25 -26.67
CA ILE A 187 18.11 0.50 -27.43
C ILE A 187 18.56 -0.78 -28.09
N GLY A 188 18.49 -0.80 -29.42
CA GLY A 188 18.85 -1.95 -30.24
C GLY A 188 20.24 -2.49 -29.96
N ALA A 189 21.19 -1.58 -29.77
CA ALA A 189 22.60 -1.88 -29.46
C ALA A 189 22.71 -2.65 -28.14
N ASN A 190 21.88 -2.29 -27.13
CA ASN A 190 21.91 -2.98 -25.83
C ASN A 190 21.14 -4.29 -25.83
N LEU A 191 20.33 -4.51 -26.88
CA LEU A 191 19.56 -5.73 -27.06
C LEU A 191 20.39 -6.83 -27.75
N LYS A 192 21.27 -6.45 -28.68
CA LYS A 192 22.15 -7.32 -29.47
C LYS A 192 22.92 -8.39 -28.65
N PRO A 193 23.70 -8.06 -27.58
CA PRO A 193 24.42 -9.12 -26.84
C PRO A 193 23.51 -10.17 -26.21
N ALA A 194 22.28 -9.78 -25.86
CA ALA A 194 21.30 -10.68 -25.28
C ALA A 194 20.87 -11.65 -26.36
N ARG A 195 20.62 -11.11 -27.58
CA ARG A 195 20.22 -11.91 -28.76
C ARG A 195 21.32 -12.93 -29.08
N ASP A 196 22.60 -12.49 -29.13
CA ASP A 196 23.78 -13.34 -29.39
C ASP A 196 23.86 -14.54 -28.44
N LEU A 197 23.49 -14.34 -27.15
CA LEU A 197 23.52 -15.42 -26.16
C LEU A 197 22.38 -16.42 -26.31
N GLY A 198 21.34 -16.05 -27.06
CA GLY A 198 20.17 -16.90 -27.29
C GLY A 198 18.94 -16.50 -26.50
N MET A 199 18.95 -15.28 -25.92
CA MET A 199 17.76 -14.80 -25.18
C MET A 199 16.73 -14.27 -26.17
N VAL A 200 15.46 -14.32 -25.76
CA VAL A 200 14.34 -13.72 -26.49
C VAL A 200 14.44 -12.23 -26.21
N THR A 201 14.39 -11.44 -27.26
CA THR A 201 14.55 -10.00 -27.12
C THR A 201 13.37 -9.26 -27.69
N ILE A 202 13.07 -8.09 -27.10
CA ILE A 202 11.99 -7.23 -27.54
C ILE A 202 12.50 -5.82 -27.62
N LEU A 203 12.47 -5.25 -28.83
CA LEU A 203 12.84 -3.86 -29.04
C LEU A 203 11.59 -3.11 -28.69
N VAL A 204 11.69 -2.25 -27.66
CA VAL A 204 10.56 -1.48 -27.14
C VAL A 204 10.54 -0.10 -27.78
N GLN A 205 9.47 0.21 -28.53
CA GLN A 205 9.25 1.55 -29.05
C GLN A 205 7.99 1.99 -28.30
N ASP A 206 6.80 1.67 -28.83
CA ASP A 206 5.55 1.98 -28.13
C ASP A 206 5.25 0.79 -27.21
N THR A 207 4.75 1.08 -26.01
CA THR A 207 4.43 0.04 -25.02
C THR A 207 3.48 -1.03 -25.54
N ASP A 208 2.35 -0.64 -26.17
CA ASP A 208 1.36 -1.59 -26.69
C ASP A 208 1.94 -2.69 -27.57
N THR A 209 2.81 -2.33 -28.54
CA THR A 209 3.44 -3.33 -29.43
C THR A 209 4.40 -4.22 -28.63
N ALA A 210 5.18 -3.63 -27.70
CA ALA A 210 6.12 -4.38 -26.86
C ALA A 210 5.41 -5.45 -26.05
N LEU A 211 4.27 -5.09 -25.44
CA LEU A 211 3.48 -6.05 -24.68
C LEU A 211 2.82 -7.09 -25.55
N LYS A 212 2.48 -6.72 -26.80
CA LYS A 212 1.90 -7.66 -27.76
C LYS A 212 2.98 -8.74 -28.05
N GLU A 213 4.22 -8.30 -28.27
CA GLU A 213 5.36 -9.19 -28.52
C GLU A 213 5.61 -10.03 -27.28
N LEU A 214 5.57 -9.40 -26.08
CA LEU A 214 5.75 -10.08 -24.79
C LEU A 214 4.66 -11.12 -24.54
N GLU A 215 3.37 -10.80 -24.81
CA GLU A 215 2.38 -11.85 -24.59
C GLU A 215 2.47 -13.02 -25.55
N LYS A 216 2.90 -12.75 -26.78
CA LYS A 216 3.10 -13.74 -27.84
C LYS A 216 4.18 -14.74 -27.39
N VAL A 217 5.33 -14.24 -26.89
CA VAL A 217 6.42 -15.15 -26.46
C VAL A 217 6.19 -15.91 -25.16
N THR A 218 5.50 -15.29 -24.19
CA THR A 218 5.25 -15.92 -22.88
C THR A 218 3.99 -16.80 -22.85
N GLY A 219 3.04 -16.55 -23.75
CA GLY A 219 1.76 -17.26 -23.74
C GLY A 219 0.88 -16.86 -22.56
N ILE A 220 1.20 -15.70 -21.92
CA ILE A 220 0.46 -15.15 -20.78
C ILE A 220 -0.23 -13.87 -21.24
N GLN A 221 -1.51 -13.69 -20.91
CA GLN A 221 -2.26 -12.48 -21.24
C GLN A 221 -1.74 -11.30 -20.40
N LEU A 222 -1.27 -10.26 -21.08
CA LEU A 222 -0.74 -9.06 -20.44
C LEU A 222 -1.47 -7.80 -20.85
N LEU A 223 -2.08 -7.82 -22.03
CA LEU A 223 -2.77 -6.66 -22.57
C LEU A 223 -4.29 -6.85 -22.40
N ASN A 224 -5.05 -5.76 -22.19
CA ASN A 224 -6.52 -5.84 -22.06
C ASN A 224 -6.99 -6.66 -20.85
N THR A 225 -6.13 -6.80 -19.82
CA THR A 225 -6.44 -7.59 -18.62
C THR A 225 -7.42 -6.87 -17.69
N PRO A 226 -8.10 -7.60 -16.77
CA PRO A 226 -8.96 -6.91 -15.79
C PRO A 226 -8.11 -5.98 -14.90
N ALA A 227 -8.75 -4.97 -14.31
CA ALA A 227 -8.05 -4.01 -13.45
C ALA A 227 -7.40 -4.77 -12.26
N PRO A 228 -6.09 -4.60 -12.04
CA PRO A 228 -5.44 -5.36 -10.95
C PRO A 228 -5.77 -4.77 -9.57
N LEU A 229 -5.66 -5.60 -8.55
CA LEU A 229 -5.87 -5.16 -7.16
C LEU A 229 -4.65 -4.31 -6.75
N PRO A 230 -4.79 -3.44 -5.74
CA PRO A 230 -3.62 -2.66 -5.30
C PRO A 230 -2.57 -3.61 -4.71
N THR A 231 -1.32 -3.14 -4.56
CA THR A 231 -0.25 -3.94 -3.95
C THR A 231 -0.67 -4.33 -2.52
N SER A 232 -0.37 -5.56 -2.12
CA SER A 232 -0.72 -6.01 -0.78
C SER A 232 0.58 -6.02 0.09
N CYS A 233 0.55 -6.63 1.29
CA CYS A 233 1.72 -6.70 2.19
C CYS A 233 2.11 -8.13 2.39
N ASN A 234 3.43 -8.40 2.48
CA ASN A 234 3.93 -9.71 2.86
C ASN A 234 4.40 -9.50 4.31
N PRO A 235 3.70 -10.07 5.32
CA PRO A 235 4.06 -9.83 6.74
C PRO A 235 5.53 -9.89 7.09
N SER A 236 6.24 -10.90 6.57
CA SER A 236 7.67 -11.10 6.85
C SER A 236 8.55 -9.99 6.29
N ASP A 237 8.05 -9.18 5.36
CA ASP A 237 8.80 -8.09 4.76
C ASP A 237 8.50 -6.71 5.38
N MET A 238 7.63 -6.65 6.40
CA MET A 238 7.26 -5.36 6.97
C MET A 238 8.15 -5.05 8.20
N SER A 239 8.21 -3.77 8.57
CA SER A 239 8.86 -3.31 9.80
C SER A 239 7.77 -3.47 10.88
N HIS A 240 8.08 -4.23 11.93
CA HIS A 240 7.16 -4.52 13.04
C HIS A 240 7.63 -3.73 14.25
N GLY A 241 6.70 -2.95 14.81
CA GLY A 241 6.95 -2.09 15.97
C GLY A 241 6.20 -2.58 17.20
N TYR A 242 6.80 -2.37 18.41
CA TYR A 242 6.19 -2.81 19.66
C TYR A 242 6.40 -1.73 20.72
N VAL A 243 5.30 -1.29 21.35
CA VAL A 243 5.33 -0.23 22.38
C VAL A 243 4.62 -0.75 23.61
N THR A 244 5.27 -0.67 24.80
CA THR A 244 4.60 -1.03 26.04
C THR A 244 3.83 0.21 26.52
N VAL A 245 2.49 0.12 26.63
CA VAL A 245 1.69 1.27 27.05
C VAL A 245 1.43 1.27 28.55
N LYS A 246 1.55 0.09 29.18
CA LYS A 246 1.42 -0.11 30.63
C LYS A 246 2.02 -1.45 31.01
N PRO A 247 2.39 -1.71 32.30
CA PRO A 247 3.08 -2.96 32.64
C PRO A 247 2.61 -4.23 31.94
N ARG A 248 1.31 -4.50 31.90
CA ARG A 248 0.95 -5.77 31.25
C ARG A 248 0.46 -5.64 29.80
N VAL A 249 0.60 -4.45 29.19
CA VAL A 249 0.07 -4.27 27.84
C VAL A 249 1.06 -3.71 26.85
N ARG A 250 1.31 -4.44 25.76
CA ARG A 250 2.14 -3.89 24.70
C ARG A 250 1.27 -3.84 23.44
N LEU A 251 1.52 -2.85 22.59
CA LEU A 251 0.80 -2.75 21.31
C LEU A 251 1.79 -2.98 20.17
N HIS A 252 1.41 -3.85 19.22
CA HIS A 252 2.21 -4.14 18.04
C HIS A 252 1.59 -3.38 16.85
N PHE A 253 2.44 -2.95 15.89
CA PHE A 253 1.99 -2.28 14.68
C PHE A 253 2.97 -2.55 13.59
N VAL A 254 2.48 -2.41 12.36
CA VAL A 254 3.31 -2.51 11.19
C VAL A 254 3.49 -1.07 10.70
N GLU A 255 4.69 -0.74 10.23
CA GLU A 255 4.95 0.65 9.88
C GLU A 255 5.58 0.79 8.51
N LEU A 256 5.05 1.72 7.70
CA LEU A 256 5.60 1.92 6.34
C LEU A 256 5.39 3.36 5.89
N GLY A 257 6.42 3.91 5.28
CA GLY A 257 6.41 5.23 4.68
C GLY A 257 6.89 6.36 5.55
N SER A 258 6.99 7.55 4.93
CA SER A 258 7.37 8.78 5.63
C SER A 258 6.27 9.83 5.39
N GLY A 259 6.20 10.79 6.27
CA GLY A 259 5.24 11.87 6.18
C GLY A 259 4.34 11.93 7.40
N PRO A 260 3.18 12.60 7.29
CA PRO A 260 2.28 12.68 8.47
C PRO A 260 1.86 11.27 8.92
N ALA A 261 1.78 11.05 10.26
CA ALA A 261 1.42 9.73 10.82
C ALA A 261 -0.05 9.47 10.59
N VAL A 262 -0.34 8.28 10.05
CA VAL A 262 -1.71 7.79 9.81
C VAL A 262 -1.85 6.48 10.55
N CYS A 263 -2.68 6.46 11.57
CA CYS A 263 -2.87 5.28 12.45
C CYS A 263 -4.14 4.54 12.05
N LEU A 264 -3.97 3.28 11.53
CA LEU A 264 -5.10 2.46 11.05
C LEU A 264 -5.54 1.53 12.14
N CYS A 265 -6.85 1.54 12.43
CA CYS A 265 -7.45 0.81 13.56
C CYS A 265 -8.52 -0.13 13.02
N HIS A 266 -8.21 -1.42 13.02
CA HIS A 266 -9.11 -2.46 12.51
C HIS A 266 -10.29 -2.76 13.43
N GLY A 267 -11.21 -3.60 12.92
CA GLY A 267 -12.41 -3.97 13.64
C GLY A 267 -12.38 -5.40 14.17
N PHE A 268 -13.58 -5.92 14.42
CA PHE A 268 -13.71 -7.28 14.95
C PHE A 268 -14.12 -8.26 13.88
N PRO A 269 -13.52 -9.48 13.85
CA PRO A 269 -12.35 -9.98 14.60
C PRO A 269 -11.22 -9.93 13.59
N GLU A 270 -10.49 -8.82 13.58
CA GLU A 270 -9.52 -8.60 12.53
C GLU A 270 -8.05 -8.54 12.95
N SER A 271 -7.25 -7.76 12.21
CA SER A 271 -5.79 -7.72 12.32
C SER A 271 -5.26 -6.44 11.67
N TRP A 272 -3.99 -6.09 11.91
CA TRP A 272 -3.33 -5.03 11.15
C TRP A 272 -3.44 -5.38 9.67
N TYR A 273 -3.38 -6.71 9.38
CA TYR A 273 -3.38 -7.24 8.00
C TYR A 273 -4.66 -6.94 7.25
N SER A 274 -5.74 -6.56 7.96
CA SER A 274 -6.97 -6.15 7.25
C SER A 274 -6.76 -4.92 6.40
N TRP A 275 -5.66 -4.17 6.67
CA TRP A 275 -5.32 -2.97 5.93
C TRP A 275 -4.25 -3.27 4.86
N ARG A 276 -3.97 -4.56 4.59
CA ARG A 276 -2.89 -4.94 3.65
C ARG A 276 -2.95 -4.22 2.30
N TYR A 277 -4.17 -3.92 1.76
CA TYR A 277 -4.20 -3.20 0.46
C TYR A 277 -4.04 -1.68 0.60
N GLN A 278 -4.21 -1.15 1.83
CA GLN A 278 -4.11 0.29 2.11
C GLN A 278 -2.70 0.73 2.46
N ILE A 279 -1.96 -0.10 3.19
CA ILE A 279 -0.62 0.25 3.69
C ILE A 279 0.33 0.71 2.57
N PRO A 280 0.59 -0.09 1.51
CA PRO A 280 1.51 0.38 0.48
C PRO A 280 0.99 1.62 -0.23
N ALA A 281 -0.33 1.67 -0.56
CA ALA A 281 -0.91 2.83 -1.28
C ALA A 281 -0.77 4.11 -0.48
N LEU A 282 -1.10 4.07 0.84
CA LEU A 282 -1.01 5.29 1.67
C LEU A 282 0.46 5.72 1.85
N ALA A 283 1.38 4.75 2.00
CA ALA A 283 2.81 5.09 2.13
C ALA A 283 3.29 5.74 0.80
N GLN A 284 2.88 5.18 -0.35
CA GLN A 284 3.25 5.72 -1.66
C GLN A 284 2.70 7.14 -1.86
N ALA A 285 1.53 7.41 -1.28
CA ALA A 285 0.86 8.71 -1.31
C ALA A 285 1.51 9.79 -0.45
N GLY A 286 2.52 9.43 0.34
CA GLY A 286 3.28 10.39 1.13
C GLY A 286 2.94 10.41 2.62
N TYR A 287 2.54 9.24 3.16
CA TYR A 287 2.16 9.14 4.58
C TYR A 287 2.95 8.09 5.29
N ARG A 288 3.11 8.26 6.59
CA ARG A 288 3.79 7.30 7.48
C ARG A 288 2.67 6.47 8.09
N VAL A 289 2.50 5.24 7.60
CA VAL A 289 1.38 4.42 8.05
C VAL A 289 1.75 3.58 9.28
N LEU A 290 0.89 3.59 10.27
CA LEU A 290 1.07 2.74 11.47
C LEU A 290 -0.19 1.88 11.54
N ALA A 291 -0.09 0.62 11.09
CA ALA A 291 -1.24 -0.29 11.08
C ALA A 291 -1.24 -1.15 12.34
N MET A 292 -2.17 -0.87 13.23
CA MET A 292 -2.21 -1.52 14.53
C MET A 292 -2.68 -2.93 14.53
N ASP A 293 -2.21 -3.69 15.53
CA ASP A 293 -2.91 -4.83 16.04
C ASP A 293 -3.60 -4.17 17.26
N MET A 294 -4.92 -4.10 17.26
CA MET A 294 -5.63 -3.44 18.36
C MET A 294 -5.53 -4.33 19.63
N LYS A 295 -5.70 -3.74 20.81
CA LYS A 295 -5.62 -4.53 22.08
C LYS A 295 -6.55 -5.75 21.98
N GLY A 296 -6.02 -6.89 22.33
CA GLY A 296 -6.71 -8.17 22.27
C GLY A 296 -6.36 -9.01 21.06
N TYR A 297 -5.59 -8.42 20.10
CA TYR A 297 -5.32 -9.04 18.81
C TYR A 297 -3.89 -9.25 18.44
N GLY A 298 -3.67 -10.28 17.62
CA GLY A 298 -2.38 -10.60 17.00
C GLY A 298 -1.21 -10.56 17.97
N GLU A 299 -0.20 -9.72 17.68
CA GLU A 299 0.96 -9.63 18.58
C GLU A 299 0.82 -8.63 19.71
N SER A 300 -0.36 -7.95 19.79
CA SER A 300 -0.60 -7.01 20.89
C SER A 300 -1.08 -7.85 22.08
N SER A 301 -0.94 -7.30 23.30
CA SER A 301 -1.35 -8.01 24.50
C SER A 301 -2.86 -8.21 24.52
N ALA A 302 -3.29 -9.31 25.19
CA ALA A 302 -4.70 -9.63 25.31
C ALA A 302 -5.05 -9.99 26.77
N PRO A 303 -5.11 -8.99 27.69
CA PRO A 303 -5.47 -9.31 29.10
C PRO A 303 -6.89 -9.88 29.14
N PRO A 304 -7.20 -10.75 30.12
CA PRO A 304 -8.50 -11.41 30.11
C PRO A 304 -9.68 -10.59 30.60
N GLU A 305 -9.44 -9.57 31.44
CA GLU A 305 -10.47 -8.77 32.12
C GLU A 305 -11.33 -7.97 31.15
N ILE A 306 -12.66 -8.06 31.32
CA ILE A 306 -13.61 -7.34 30.45
C ILE A 306 -13.33 -5.82 30.42
N GLU A 307 -13.14 -5.21 31.61
CA GLU A 307 -12.93 -3.78 31.78
C GLU A 307 -11.66 -3.22 31.13
N GLU A 308 -10.72 -4.10 30.73
CA GLU A 308 -9.50 -3.70 30.03
C GLU A 308 -9.86 -3.24 28.60
N TYR A 309 -11.10 -3.53 28.16
CA TYR A 309 -11.57 -3.23 26.81
C TYR A 309 -12.67 -2.19 26.70
N CYS A 310 -12.88 -1.40 27.78
CA CYS A 310 -13.84 -0.31 27.66
C CYS A 310 -13.18 0.79 26.82
N MET A 311 -14.01 1.60 26.15
N MET A 311 -13.99 1.60 26.14
CA MET A 311 -13.56 2.68 25.26
CA MET A 311 -13.46 2.64 25.25
C MET A 311 -12.59 3.67 25.91
C MET A 311 -12.54 3.65 25.92
N GLU A 312 -12.86 4.03 27.17
CA GLU A 312 -12.01 4.99 27.91
C GLU A 312 -10.58 4.45 28.05
N VAL A 313 -10.44 3.18 28.45
CA VAL A 313 -9.15 2.49 28.61
C VAL A 313 -8.45 2.39 27.25
N LEU A 314 -9.18 1.92 26.22
CA LEU A 314 -8.63 1.74 24.87
C LEU A 314 -8.11 3.05 24.29
N CYS A 315 -8.88 4.14 24.44
CA CYS A 315 -8.46 5.46 23.98
C CYS A 315 -7.22 5.98 24.72
N LYS A 316 -7.18 5.82 26.07
CA LYS A 316 -6.06 6.28 26.92
C LYS A 316 -4.76 5.60 26.47
N GLU A 317 -4.85 4.28 26.21
CA GLU A 317 -3.71 3.50 25.73
C GLU A 317 -3.27 3.96 24.34
N MET A 318 -4.21 4.37 23.44
CA MET A 318 -3.78 4.84 22.11
C MET A 318 -3.09 6.20 22.26
N VAL A 319 -3.53 7.00 23.25
CA VAL A 319 -2.85 8.28 23.54
C VAL A 319 -1.43 7.96 24.08
N THR A 320 -1.31 6.98 24.98
CA THR A 320 0.01 6.56 25.50
C THR A 320 0.92 6.06 24.38
N PHE A 321 0.31 5.30 23.45
CA PHE A 321 1.04 4.81 22.26
C PHE A 321 1.68 6.00 21.51
N LEU A 322 0.89 7.06 21.23
CA LEU A 322 1.44 8.25 20.57
C LEU A 322 2.56 8.87 21.43
N ASP A 323 2.32 9.00 22.74
CA ASP A 323 3.31 9.60 23.68
C ASP A 323 4.65 8.90 23.59
N LYS A 324 4.63 7.55 23.66
CA LYS A 324 5.84 6.75 23.63
C LYS A 324 6.56 6.75 22.29
N LEU A 325 5.81 6.94 21.21
CA LEU A 325 6.44 7.06 19.88
C LEU A 325 6.94 8.46 19.58
N GLY A 326 6.60 9.41 20.44
CA GLY A 326 6.99 10.81 20.28
C GLY A 326 6.18 11.54 19.23
N LEU A 327 4.89 11.13 19.05
CA LEU A 327 4.01 11.74 18.07
C LEU A 327 3.02 12.67 18.74
N SER A 328 3.02 13.94 18.36
CA SER A 328 2.06 14.86 18.99
C SER A 328 0.66 14.61 18.46
N GLN A 329 0.57 14.14 17.19
CA GLN A 329 -0.72 13.79 16.58
C GLN A 329 -0.58 12.62 15.58
N ALA A 330 -1.74 12.08 15.19
CA ALA A 330 -1.79 11.14 14.09
C ALA A 330 -3.16 11.33 13.47
N VAL A 331 -3.30 11.00 12.20
CA VAL A 331 -4.61 10.92 11.60
C VAL A 331 -5.13 9.55 12.08
N PHE A 332 -6.38 9.45 12.53
CA PHE A 332 -6.90 8.15 12.96
C PHE A 332 -7.96 7.66 11.98
N ILE A 333 -7.75 6.48 11.40
CA ILE A 333 -8.70 5.88 10.42
C ILE A 333 -9.10 4.53 10.99
N GLY A 334 -10.39 4.35 11.18
CA GLY A 334 -10.88 3.12 11.76
C GLY A 334 -11.97 2.43 10.96
N HIS A 335 -12.17 1.14 11.20
CA HIS A 335 -13.23 0.36 10.54
C HIS A 335 -13.91 -0.48 11.62
N ASP A 336 -15.26 -0.60 11.59
CA ASP A 336 -16.02 -1.39 12.58
C ASP A 336 -15.70 -0.92 14.00
N TRP A 337 -15.27 -1.79 14.94
CA TRP A 337 -14.95 -1.30 16.29
C TRP A 337 -13.87 -0.22 16.29
N GLY A 338 -12.90 -0.37 15.39
CA GLY A 338 -11.83 0.64 15.24
C GLY A 338 -12.41 2.00 14.84
N GLY A 339 -13.49 1.97 14.04
CA GLY A 339 -14.16 3.22 13.61
C GLY A 339 -14.88 3.87 14.78
N MET A 340 -15.51 3.08 15.66
CA MET A 340 -16.11 3.68 16.85
C MET A 340 -15.00 4.26 17.76
N LEU A 341 -13.87 3.56 17.91
CA LEU A 341 -12.78 4.07 18.75
C LEU A 341 -12.28 5.42 18.22
N VAL A 342 -12.11 5.55 16.87
CA VAL A 342 -11.56 6.79 16.29
C VAL A 342 -12.46 7.99 16.50
N TRP A 343 -13.81 7.80 16.39
CA TRP A 343 -14.75 8.90 16.66
C TRP A 343 -14.57 9.39 18.10
N TYR A 344 -14.43 8.47 19.07
CA TYR A 344 -14.24 8.84 20.45
C TYR A 344 -12.86 9.44 20.76
N MET A 345 -11.83 9.02 19.98
CA MET A 345 -10.51 9.67 20.07
C MET A 345 -10.68 11.16 19.68
N ALA A 346 -11.40 11.45 18.62
CA ALA A 346 -11.64 12.82 18.14
C ALA A 346 -12.40 13.63 19.20
N LEU A 347 -13.35 12.99 19.92
CA LEU A 347 -14.19 13.65 20.93
C LEU A 347 -13.48 13.92 22.26
N PHE A 348 -12.60 13.00 22.70
CA PHE A 348 -11.92 13.10 23.98
C PHE A 348 -10.50 13.61 23.89
N TYR A 349 -9.84 13.42 22.74
CA TYR A 349 -8.44 13.83 22.55
C TYR A 349 -8.24 14.59 21.22
N PRO A 350 -9.04 15.64 20.93
CA PRO A 350 -8.91 16.36 19.66
C PRO A 350 -7.51 16.90 19.40
N GLU A 351 -6.77 17.22 20.46
CA GLU A 351 -5.40 17.75 20.35
C GLU A 351 -4.45 16.76 19.70
N ARG A 352 -4.73 15.45 19.89
CA ARG A 352 -3.89 14.35 19.42
C ARG A 352 -4.31 13.76 18.09
N VAL A 353 -5.44 14.23 17.55
CA VAL A 353 -6.02 13.69 16.32
C VAL A 353 -5.93 14.75 15.23
N ARG A 354 -5.06 14.51 14.25
CA ARG A 354 -4.87 15.45 13.13
C ARG A 354 -6.14 15.51 12.30
N ALA A 355 -6.79 14.35 12.09
CA ALA A 355 -8.03 14.22 11.31
C ALA A 355 -8.55 12.82 11.63
N VAL A 356 -9.85 12.59 11.38
CA VAL A 356 -10.49 11.30 11.72
C VAL A 356 -11.32 10.79 10.56
N ALA A 357 -11.27 9.47 10.27
CA ALA A 357 -12.08 8.88 9.20
C ALA A 357 -12.58 7.53 9.67
N SER A 358 -13.80 7.18 9.31
CA SER A 358 -14.31 5.87 9.64
C SER A 358 -14.87 5.23 8.42
N LEU A 359 -14.63 3.94 8.31
CA LEU A 359 -15.20 3.09 7.28
C LEU A 359 -16.34 2.35 7.94
N ASN A 360 -17.57 2.54 7.41
CA ASN A 360 -18.79 1.83 7.81
C ASN A 360 -19.40 2.29 9.12
N THR A 361 -18.59 2.41 10.20
CA THR A 361 -19.11 2.77 11.52
C THR A 361 -19.49 4.22 11.62
N PRO A 362 -20.77 4.50 11.92
CA PRO A 362 -21.13 5.90 12.09
C PRO A 362 -20.74 6.36 13.49
N PHE A 363 -20.70 7.68 13.70
CA PHE A 363 -20.50 8.21 15.03
C PHE A 363 -21.85 8.03 15.72
N ILE A 364 -21.85 7.36 16.88
CA ILE A 364 -23.08 7.09 17.65
C ILE A 364 -22.93 7.68 19.03
N PRO A 365 -23.74 8.72 19.33
CA PRO A 365 -23.71 9.32 20.66
C PRO A 365 -24.54 8.49 21.63
N ALA A 366 -24.35 8.76 22.91
CA ALA A 366 -25.13 8.10 23.93
C ALA A 366 -26.50 8.78 24.00
N ASN A 367 -27.56 8.01 24.26
CA ASN A 367 -28.89 8.57 24.47
C ASN A 367 -29.00 8.63 26.01
N PRO A 368 -28.97 9.82 26.63
CA PRO A 368 -28.99 9.90 28.10
C PRO A 368 -30.31 9.48 28.75
N ASN A 369 -31.40 9.44 27.95
CA ASN A 369 -32.76 9.11 28.41
C ASN A 369 -33.16 7.65 28.17
N MET A 370 -32.22 6.84 27.68
CA MET A 370 -32.46 5.43 27.40
C MET A 370 -31.26 4.60 27.81
N SER A 371 -31.52 3.43 28.43
CA SER A 371 -30.48 2.47 28.79
C SER A 371 -29.81 1.98 27.49
N PRO A 372 -28.48 1.78 27.43
CA PRO A 372 -27.87 1.31 26.16
C PRO A 372 -28.39 -0.05 25.71
N LEU A 373 -28.90 -0.89 26.66
CA LEU A 373 -29.51 -2.18 26.32
C LEU A 373 -30.86 -1.95 25.63
N GLU A 374 -31.67 -0.98 26.12
CA GLU A 374 -32.96 -0.60 25.50
C GLU A 374 -32.67 -0.09 24.08
N SER A 375 -31.76 0.90 23.99
CA SER A 375 -31.32 1.54 22.75
C SER A 375 -30.83 0.54 21.69
N ILE A 376 -29.94 -0.43 22.06
CA ILE A 376 -29.43 -1.46 21.14
C ILE A 376 -30.55 -2.36 20.61
N LYS A 377 -31.50 -2.77 21.49
CA LYS A 377 -32.63 -3.60 21.05
C LYS A 377 -33.62 -2.90 20.09
N ALA A 378 -33.58 -1.54 20.03
CA ALA A 378 -34.40 -0.75 19.10
C ALA A 378 -33.80 -0.75 17.67
N ASN A 379 -32.59 -1.33 17.51
CA ASN A 379 -31.89 -1.48 16.24
C ASN A 379 -31.60 -3.00 16.11
N PRO A 380 -32.60 -3.79 15.61
CA PRO A 380 -32.45 -5.26 15.56
C PRO A 380 -31.27 -5.86 14.80
N VAL A 381 -30.63 -5.12 13.87
CA VAL A 381 -29.46 -5.64 13.13
C VAL A 381 -28.32 -6.05 14.09
N PHE A 382 -28.36 -5.52 15.33
CA PHE A 382 -27.34 -5.78 16.35
C PHE A 382 -27.70 -6.94 17.29
N ASP A 383 -28.82 -7.66 17.03
CA ASP A 383 -29.24 -8.77 17.90
C ASP A 383 -28.16 -9.79 18.10
N TYR A 384 -27.33 -10.04 17.06
CA TYR A 384 -26.19 -10.95 17.10
C TYR A 384 -25.15 -10.55 18.18
N GLN A 385 -25.06 -9.26 18.56
CA GLN A 385 -24.15 -8.80 19.61
C GLN A 385 -24.60 -9.25 21.00
N LEU A 386 -25.88 -9.63 21.18
CA LEU A 386 -26.36 -10.15 22.46
C LEU A 386 -25.71 -11.51 22.72
N TYR A 387 -25.49 -12.30 21.64
CA TYR A 387 -24.84 -13.60 21.71
C TYR A 387 -23.41 -13.45 22.24
N PHE A 388 -22.78 -12.29 21.99
CA PHE A 388 -21.41 -12.02 22.45
C PHE A 388 -21.30 -11.67 23.92
N GLN A 389 -22.43 -11.42 24.61
CA GLN A 389 -22.37 -10.98 26.00
C GLN A 389 -21.87 -11.99 27.00
N GLU A 390 -22.45 -13.20 27.02
CA GLU A 390 -22.11 -14.24 27.99
C GLU A 390 -20.68 -14.73 27.83
N PRO A 391 -19.81 -14.45 28.82
CA PRO A 391 -18.41 -14.87 28.68
C PRO A 391 -18.21 -16.36 28.42
N GLY A 392 -17.45 -16.69 27.37
CA GLY A 392 -17.11 -18.05 26.99
C GLY A 392 -17.95 -18.69 25.91
N VAL A 393 -19.22 -18.27 25.80
CA VAL A 393 -20.12 -18.84 24.79
C VAL A 393 -19.63 -18.59 23.37
N ALA A 394 -19.45 -17.29 22.97
CA ALA A 394 -18.99 -17.07 21.61
C ALA A 394 -17.51 -17.46 21.47
N GLU A 395 -16.68 -17.38 22.56
CA GLU A 395 -15.26 -17.81 22.45
C GLU A 395 -15.23 -19.28 21.98
N ALA A 396 -16.01 -20.15 22.65
CA ALA A 396 -16.11 -21.58 22.32
C ALA A 396 -16.44 -21.85 20.87
N GLU A 397 -17.50 -21.23 20.34
CA GLU A 397 -17.89 -21.43 18.95
C GLU A 397 -16.86 -20.90 17.95
N LEU A 398 -16.34 -19.68 18.20
CA LEU A 398 -15.41 -19.04 17.26
C LEU A 398 -14.02 -19.68 17.24
N GLU A 399 -13.54 -20.18 18.39
CA GLU A 399 -12.22 -20.84 18.50
C GLU A 399 -12.23 -22.32 18.08
N GLN A 400 -13.41 -22.92 18.00
CA GLN A 400 -13.58 -24.33 17.67
C GLN A 400 -12.88 -24.79 16.35
N ASN A 401 -12.99 -23.98 15.31
CA ASN A 401 -12.37 -24.23 14.04
C ASN A 401 -12.09 -22.85 13.44
N LEU A 402 -10.85 -22.35 13.58
CA LEU A 402 -10.47 -21.02 13.09
C LEU A 402 -10.64 -20.82 11.59
N SER A 403 -10.21 -21.81 10.79
CA SER A 403 -10.35 -21.77 9.35
C SER A 403 -11.84 -21.60 9.01
N ARG A 404 -12.73 -22.37 9.67
CA ARG A 404 -14.19 -22.27 9.42
C ARG A 404 -14.69 -20.89 9.82
N THR A 405 -14.27 -20.39 11.00
CA THR A 405 -14.66 -19.06 11.49
C THR A 405 -14.34 -17.96 10.47
N PHE A 406 -13.06 -17.86 10.03
CA PHE A 406 -12.64 -16.81 9.09
C PHE A 406 -13.22 -16.95 7.71
N LYS A 407 -13.31 -18.19 7.20
CA LYS A 407 -13.91 -18.40 5.87
C LYS A 407 -15.41 -18.08 5.88
N SER A 408 -16.08 -18.30 7.01
CA SER A 408 -17.52 -18.00 7.15
C SER A 408 -17.73 -16.52 7.27
N LEU A 409 -16.88 -15.83 8.03
CA LEU A 409 -17.08 -14.40 8.22
C LEU A 409 -16.69 -13.54 7.05
N PHE A 410 -15.48 -13.74 6.50
CA PHE A 410 -14.92 -12.90 5.45
C PHE A 410 -15.44 -13.25 4.07
N ARG A 411 -16.65 -12.77 3.78
CA ARG A 411 -17.39 -13.01 2.54
C ARG A 411 -18.03 -11.72 2.07
N ALA A 412 -18.16 -11.58 0.73
CA ALA A 412 -18.84 -10.44 0.10
C ALA A 412 -20.37 -10.52 0.36
N SER A 413 -21.10 -9.40 0.17
CA SER A 413 -22.55 -9.30 0.46
C SER A 413 -23.45 -10.41 -0.10
N ASP A 414 -23.10 -10.95 -1.28
CA ASP A 414 -23.86 -12.00 -1.95
C ASP A 414 -23.33 -13.43 -1.66
N GLU A 415 -22.29 -13.55 -0.81
CA GLU A 415 -21.68 -14.85 -0.48
C GLU A 415 -22.02 -15.32 0.94
N SER A 416 -22.93 -14.62 1.66
CA SER A 416 -23.26 -14.96 3.05
C SER A 416 -23.67 -16.42 3.24
N VAL A 417 -23.24 -17.01 4.38
CA VAL A 417 -23.54 -18.40 4.76
C VAL A 417 -24.12 -18.41 6.18
N LEU A 418 -24.24 -17.21 6.77
CA LEU A 418 -24.68 -16.95 8.15
C LEU A 418 -26.12 -16.46 8.19
N VAL A 423 -30.88 -13.71 12.82
CA VAL A 423 -31.22 -14.41 14.06
C VAL A 423 -29.99 -15.03 14.75
N CYS A 424 -30.02 -15.09 16.09
CA CYS A 424 -28.97 -15.71 16.89
C CYS A 424 -29.46 -16.61 18.02
N GLU A 425 -30.81 -16.78 18.11
CA GLU A 425 -31.39 -17.73 19.06
C GLU A 425 -31.64 -19.07 18.34
N ALA A 426 -30.80 -19.32 17.32
CA ALA A 426 -30.64 -20.55 16.56
C ALA A 426 -29.68 -21.36 17.44
N GLY A 427 -28.92 -20.64 18.28
CA GLY A 427 -27.95 -21.20 19.22
C GLY A 427 -26.51 -21.07 18.79
N GLY A 428 -26.20 -20.01 18.04
CA GLY A 428 -24.86 -19.75 17.55
C GLY A 428 -24.84 -19.12 16.18
N LEU A 429 -23.68 -18.58 15.81
CA LEU A 429 -23.49 -17.90 14.52
C LEU A 429 -23.39 -18.88 13.37
N PHE A 430 -22.96 -20.12 13.65
CA PHE A 430 -22.73 -21.13 12.61
C PHE A 430 -23.67 -22.35 12.65
N VAL A 431 -24.86 -22.20 13.30
CA VAL A 431 -25.88 -23.24 13.43
C VAL A 431 -26.25 -23.91 12.09
N ASN A 432 -26.72 -23.13 11.10
CA ASN A 432 -27.04 -23.75 9.81
C ASN A 432 -26.07 -23.25 8.74
N SER A 433 -24.77 -23.29 9.09
CA SER A 433 -23.65 -22.85 8.26
C SER A 433 -22.77 -24.04 7.87
N PRO A 434 -22.12 -24.04 6.68
CA PRO A 434 -21.28 -25.18 6.30
C PRO A 434 -20.09 -25.41 7.21
N GLU A 435 -19.73 -26.69 7.45
CA GLU A 435 -18.55 -27.01 8.28
C GLU A 435 -17.28 -26.72 7.52
N GLU A 436 -17.35 -26.78 6.18
CA GLU A 436 -16.23 -26.49 5.29
C GLU A 436 -16.68 -25.48 4.25
N PRO A 437 -16.76 -24.17 4.62
CA PRO A 437 -17.22 -23.16 3.64
C PRO A 437 -16.26 -23.01 2.49
N SER A 438 -16.78 -22.54 1.34
CA SER A 438 -15.97 -22.24 0.17
C SER A 438 -15.18 -20.98 0.48
N LEU A 439 -14.12 -20.73 -0.29
CA LEU A 439 -13.28 -19.58 -0.13
C LEU A 439 -13.92 -18.39 -0.84
N SER A 440 -14.10 -17.27 -0.13
CA SER A 440 -14.68 -16.05 -0.73
C SER A 440 -13.78 -15.57 -1.86
N ARG A 441 -14.38 -14.91 -2.89
CA ARG A 441 -13.60 -14.32 -3.98
C ARG A 441 -12.70 -13.17 -3.45
N MET A 442 -12.95 -12.71 -2.20
CA MET A 442 -12.16 -11.62 -1.60
C MET A 442 -10.82 -12.06 -1.05
N VAL A 443 -10.68 -13.35 -0.67
CA VAL A 443 -9.50 -13.89 0.00
C VAL A 443 -8.87 -15.11 -0.65
N THR A 444 -7.56 -15.32 -0.39
CA THR A 444 -6.86 -16.53 -0.80
C THR A 444 -6.82 -17.41 0.44
N GLU A 445 -6.52 -18.70 0.26
CA GLU A 445 -6.36 -19.66 1.34
C GLU A 445 -5.23 -19.19 2.26
N GLU A 446 -4.15 -18.65 1.66
CA GLU A 446 -2.96 -18.14 2.38
C GLU A 446 -3.34 -16.98 3.35
N GLU A 447 -4.22 -16.07 2.90
CA GLU A 447 -4.69 -14.94 3.73
C GLU A 447 -5.54 -15.45 4.89
N ILE A 448 -6.44 -16.46 4.63
CA ILE A 448 -7.21 -17.00 5.72
C ILE A 448 -6.26 -17.60 6.77
N GLN A 449 -5.24 -18.40 6.33
CA GLN A 449 -4.29 -19.04 7.23
C GLN A 449 -3.47 -18.02 8.05
N PHE A 450 -3.28 -16.82 7.50
CA PHE A 450 -2.59 -15.74 8.24
C PHE A 450 -3.44 -15.40 9.48
N TYR A 451 -4.77 -15.18 9.29
CA TYR A 451 -5.69 -14.88 10.40
C TYR A 451 -5.77 -16.03 11.38
N VAL A 452 -5.85 -17.28 10.84
CA VAL A 452 -5.88 -18.46 11.70
C VAL A 452 -4.67 -18.43 12.64
N GLN A 453 -3.47 -18.21 12.06
CA GLN A 453 -2.23 -18.15 12.82
C GLN A 453 -2.22 -17.04 13.86
N GLN A 454 -2.73 -15.86 13.51
CA GLN A 454 -2.78 -14.74 14.46
C GLN A 454 -3.67 -15.07 15.65
N PHE A 455 -4.86 -15.64 15.38
CA PHE A 455 -5.81 -15.96 16.42
C PHE A 455 -5.46 -17.18 17.28
N LYS A 456 -4.40 -17.92 16.93
CA LYS A 456 -3.99 -19.05 17.78
C LYS A 456 -3.37 -18.55 19.07
N LYS A 457 -2.78 -17.35 19.05
CA LYS A 457 -2.15 -16.83 20.25
C LYS A 457 -3.12 -16.51 21.39
N SER A 458 -4.11 -15.66 21.15
CA SER A 458 -5.00 -15.25 22.22
C SER A 458 -6.46 -15.62 22.03
N GLY A 459 -6.82 -16.10 20.83
CA GLY A 459 -8.20 -16.45 20.55
C GLY A 459 -9.14 -15.27 20.57
N PHE A 460 -10.36 -15.49 21.06
CA PHE A 460 -11.43 -14.50 20.96
C PHE A 460 -11.87 -13.78 22.22
N ARG A 461 -11.29 -14.08 23.39
CA ARG A 461 -11.72 -13.45 24.62
C ARG A 461 -11.56 -11.90 24.60
N GLY A 462 -10.35 -11.44 24.32
CA GLY A 462 -10.04 -10.01 24.26
C GLY A 462 -10.89 -9.33 23.19
N PRO A 463 -10.87 -9.85 21.96
CA PRO A 463 -11.72 -9.26 20.89
C PRO A 463 -13.21 -9.15 21.28
N LEU A 464 -13.79 -10.19 21.90
CA LEU A 464 -15.20 -10.20 22.33
C LEU A 464 -15.44 -9.23 23.44
N ASN A 465 -14.40 -9.02 24.29
CA ASN A 465 -14.52 -8.06 25.39
C ASN A 465 -14.81 -6.65 24.90
N TRP A 466 -14.45 -6.33 23.65
CA TRP A 466 -14.79 -4.98 23.10
C TRP A 466 -16.31 -4.74 23.14
N TYR A 467 -17.13 -5.82 23.07
CA TYR A 467 -18.61 -5.71 23.09
C TYR A 467 -19.20 -5.80 24.48
N ARG A 468 -18.37 -6.09 25.47
CA ARG A 468 -18.82 -6.36 26.84
C ARG A 468 -18.75 -5.17 27.80
N ASN A 469 -18.69 -3.95 27.23
CA ASN A 469 -18.57 -2.74 28.04
C ASN A 469 -19.60 -1.70 27.73
N MET A 470 -20.79 -2.13 27.26
CA MET A 470 -21.87 -1.19 26.88
C MET A 470 -22.21 -0.18 27.95
N GLU A 471 -22.41 -0.63 29.21
CA GLU A 471 -22.77 0.26 30.32
C GLU A 471 -21.66 1.26 30.65
N ARG A 472 -20.42 0.79 30.80
CA ARG A 472 -19.28 1.67 31.06
C ARG A 472 -19.09 2.68 29.92
N ASN A 473 -19.21 2.20 28.67
CA ASN A 473 -19.04 3.07 27.48
C ASN A 473 -20.12 4.12 27.41
N TRP A 474 -21.37 3.76 27.78
CA TRP A 474 -22.48 4.70 27.78
C TRP A 474 -22.23 5.82 28.81
N LYS A 475 -21.84 5.46 30.05
CA LYS A 475 -21.50 6.43 31.10
C LYS A 475 -20.41 7.39 30.64
N TRP A 476 -19.35 6.86 30.02
CA TRP A 476 -18.23 7.67 29.51
C TRP A 476 -18.70 8.58 28.39
N ALA A 477 -19.42 8.04 27.38
CA ALA A 477 -19.91 8.80 26.23
C ALA A 477 -20.82 9.95 26.63
N CYS A 478 -21.60 9.77 27.71
CA CYS A 478 -22.47 10.83 28.23
C CYS A 478 -21.72 12.12 28.59
N LYS A 479 -20.43 12.01 28.97
CA LYS A 479 -19.59 13.19 29.28
C LYS A 479 -19.37 14.08 28.07
N SER A 480 -19.57 13.54 26.85
CA SER A 480 -19.33 14.24 25.61
C SER A 480 -20.57 14.81 24.93
N LEU A 481 -21.76 14.66 25.54
CA LEU A 481 -23.02 15.09 24.93
C LEU A 481 -23.19 16.56 24.52
N GLY A 482 -22.44 17.44 25.17
CA GLY A 482 -22.45 18.87 24.85
C GLY A 482 -21.40 19.27 23.84
N ARG A 483 -20.61 18.28 23.34
CA ARG A 483 -19.53 18.57 22.39
C ARG A 483 -19.92 18.34 20.95
N LYS A 484 -19.09 18.86 20.03
CA LYS A 484 -19.21 18.61 18.60
C LYS A 484 -17.82 18.17 18.16
N ILE A 485 -17.74 17.42 17.05
CA ILE A 485 -16.44 17.04 16.46
C ILE A 485 -16.22 18.10 15.38
N LEU A 486 -15.21 18.93 15.60
CA LEU A 486 -14.93 20.05 14.72
C LEU A 486 -13.59 19.99 14.02
N ILE A 487 -12.84 18.89 14.22
CA ILE A 487 -11.59 18.66 13.51
C ILE A 487 -11.93 18.00 12.15
N PRO A 488 -11.02 17.94 11.15
CA PRO A 488 -11.39 17.34 9.83
C PRO A 488 -11.86 15.89 9.98
N ALA A 489 -13.00 15.55 9.35
CA ALA A 489 -13.64 14.23 9.50
C ALA A 489 -14.22 13.69 8.22
N LEU A 490 -14.08 12.37 8.02
CA LEU A 490 -14.61 11.68 6.85
C LEU A 490 -15.40 10.47 7.29
N MET A 491 -16.64 10.32 6.78
CA MET A 491 -17.46 9.13 7.03
C MET A 491 -17.61 8.39 5.71
N VAL A 492 -17.15 7.12 5.63
CA VAL A 492 -17.26 6.34 4.39
C VAL A 492 -18.33 5.30 4.57
N THR A 493 -19.44 5.40 3.80
CA THR A 493 -20.51 4.40 3.93
C THR A 493 -20.33 3.27 2.91
N ALA A 494 -20.84 2.05 3.21
CA ALA A 494 -20.73 0.87 2.36
C ALA A 494 -22.17 0.40 2.08
N GLU A 495 -22.59 0.51 0.81
CA GLU A 495 -23.94 0.20 0.37
C GLU A 495 -24.56 -1.07 0.94
N LYS A 496 -23.82 -2.18 0.86
CA LYS A 496 -24.24 -3.52 1.23
C LYS A 496 -23.79 -4.02 2.61
N ASP A 497 -23.39 -3.10 3.53
CA ASP A 497 -23.13 -3.57 4.90
C ASP A 497 -24.52 -3.63 5.54
N PHE A 498 -25.01 -4.84 5.82
CA PHE A 498 -26.36 -5.02 6.37
C PHE A 498 -26.52 -4.80 7.85
N VAL A 499 -25.39 -4.46 8.56
CA VAL A 499 -25.44 -4.15 9.99
C VAL A 499 -25.13 -2.66 10.17
N LEU A 500 -23.98 -2.22 9.67
CA LEU A 500 -23.58 -0.82 9.72
C LEU A 500 -24.07 -0.19 8.42
N VAL A 501 -25.40 -0.02 8.33
CA VAL A 501 -26.04 0.45 7.11
C VAL A 501 -25.77 1.95 6.87
N PRO A 502 -25.68 2.42 5.60
CA PRO A 502 -25.42 3.85 5.36
C PRO A 502 -26.40 4.80 6.06
N GLN A 503 -27.70 4.41 6.12
CA GLN A 503 -28.75 5.22 6.77
C GLN A 503 -28.49 5.53 8.26
N MET A 504 -27.72 4.67 8.96
CA MET A 504 -27.39 4.87 10.37
C MET A 504 -26.48 6.08 10.62
N SER A 505 -25.82 6.58 9.55
CA SER A 505 -24.92 7.74 9.60
C SER A 505 -25.65 9.04 9.27
N GLN A 506 -26.96 8.96 8.92
CA GLN A 506 -27.73 10.15 8.50
C GLN A 506 -27.76 11.36 9.47
N HIS A 507 -27.62 11.15 10.78
CA HIS A 507 -27.64 12.24 11.75
C HIS A 507 -26.27 12.82 12.10
N MET A 508 -25.20 12.26 11.53
CA MET A 508 -23.85 12.68 11.91
C MET A 508 -23.54 14.17 11.73
N GLU A 509 -24.08 14.81 10.68
CA GLU A 509 -23.85 16.25 10.47
C GLU A 509 -24.30 17.13 11.64
N ASP A 510 -25.27 16.64 12.46
CA ASP A 510 -25.73 17.37 13.64
C ASP A 510 -24.60 17.49 14.70
N TRP A 511 -23.70 16.49 14.74
CA TRP A 511 -22.57 16.41 15.67
C TRP A 511 -21.24 16.84 15.02
N ILE A 512 -21.12 16.65 13.71
CA ILE A 512 -19.88 16.93 12.95
C ILE A 512 -20.31 17.82 11.78
N PRO A 513 -20.52 19.13 12.00
CA PRO A 513 -21.06 19.97 10.90
C PRO A 513 -20.25 20.05 9.61
N HIS A 514 -18.91 19.98 9.72
CA HIS A 514 -17.99 20.07 8.57
C HIS A 514 -17.63 18.70 7.96
N LEU A 515 -18.32 17.64 8.41
CA LEU A 515 -18.12 16.27 7.94
C LEU A 515 -18.07 16.13 6.42
N LYS A 516 -17.08 15.41 5.92
CA LYS A 516 -16.96 15.04 4.51
C LYS A 516 -17.38 13.57 4.41
N ARG A 517 -17.85 13.17 3.23
CA ARG A 517 -18.29 11.80 3.01
C ARG A 517 -17.70 11.16 1.79
N GLY A 518 -17.75 9.85 1.81
CA GLY A 518 -17.41 8.96 0.72
C GLY A 518 -18.45 7.87 0.76
N HIS A 519 -18.68 7.19 -0.37
CA HIS A 519 -19.67 6.11 -0.40
C HIS A 519 -19.26 5.10 -1.41
N ILE A 520 -19.29 3.82 -1.02
CA ILE A 520 -18.87 2.73 -1.89
C ILE A 520 -20.03 1.81 -2.22
N GLU A 521 -20.41 1.80 -3.49
CA GLU A 521 -21.49 0.93 -3.93
C GLU A 521 -21.01 -0.50 -4.03
N ASP A 522 -21.94 -1.45 -3.85
CA ASP A 522 -21.72 -2.90 -3.95
C ASP A 522 -20.59 -3.35 -3.01
N CYS A 523 -20.53 -2.71 -1.84
CA CYS A 523 -19.52 -2.98 -0.83
C CYS A 523 -20.17 -3.49 0.44
N GLY A 524 -19.67 -4.62 0.91
CA GLY A 524 -20.15 -5.29 2.12
C GLY A 524 -19.45 -4.76 3.37
N HIS A 525 -19.44 -5.56 4.43
CA HIS A 525 -18.85 -5.17 5.73
C HIS A 525 -17.33 -5.06 5.70
N TRP A 526 -16.66 -5.95 4.95
CA TRP A 526 -15.19 -6.05 4.92
C TRP A 526 -14.61 -5.12 3.89
N THR A 527 -14.94 -3.83 4.03
CA THR A 527 -14.64 -2.75 3.11
C THR A 527 -13.26 -2.79 2.50
N GLN A 528 -12.21 -2.88 3.35
CA GLN A 528 -10.84 -2.82 2.89
C GLN A 528 -10.47 -3.86 1.86
N MET A 529 -10.97 -5.09 1.99
CA MET A 529 -10.61 -6.16 1.03
C MET A 529 -11.71 -6.35 -0.01
N ASP A 530 -12.91 -5.85 0.27
CA ASP A 530 -14.03 -5.92 -0.67
C ASP A 530 -13.78 -4.96 -1.82
N LYS A 531 -13.54 -3.67 -1.52
CA LYS A 531 -13.31 -2.64 -2.52
C LYS A 531 -12.00 -1.88 -2.25
N PRO A 532 -10.83 -2.55 -2.28
CA PRO A 532 -9.56 -1.86 -1.92
C PRO A 532 -9.17 -0.65 -2.76
N THR A 533 -9.34 -0.73 -4.10
CA THR A 533 -9.01 0.38 -4.98
C THR A 533 -9.84 1.62 -4.61
N GLU A 534 -11.15 1.42 -4.42
CA GLU A 534 -12.09 2.49 -4.09
C GLU A 534 -11.74 3.11 -2.73
N VAL A 535 -11.48 2.25 -1.73
CA VAL A 535 -11.09 2.70 -0.37
C VAL A 535 -9.84 3.58 -0.50
N ASN A 536 -8.83 3.11 -1.23
CA ASN A 536 -7.57 3.85 -1.41
C ASN A 536 -7.77 5.22 -2.04
N GLN A 537 -8.56 5.27 -3.14
CA GLN A 537 -8.88 6.51 -3.85
C GLN A 537 -9.53 7.54 -2.91
N ILE A 538 -10.54 7.10 -2.14
CA ILE A 538 -11.28 7.93 -1.17
C ILE A 538 -10.37 8.45 -0.07
N LEU A 539 -9.59 7.54 0.55
CA LEU A 539 -8.72 7.97 1.65
C LEU A 539 -7.63 8.91 1.21
N ILE A 540 -6.95 8.60 0.08
CA ILE A 540 -5.85 9.45 -0.42
C ILE A 540 -6.34 10.84 -0.77
N LYS A 541 -7.48 10.92 -1.48
CA LYS A 541 -8.06 12.20 -1.85
C LYS A 541 -8.36 13.06 -0.60
N TRP A 542 -8.99 12.45 0.41
CA TRP A 542 -9.31 13.13 1.66
C TRP A 542 -8.05 13.52 2.45
N LEU A 543 -7.10 12.58 2.60
CA LEU A 543 -5.85 12.90 3.32
C LEU A 543 -5.15 14.08 2.68
N ASP A 544 -5.01 14.07 1.34
CA ASP A 544 -4.32 15.15 0.63
C ASP A 544 -5.03 16.51 0.75
N SER A 545 -6.35 16.52 0.86
CA SER A 545 -7.08 17.79 1.00
C SER A 545 -7.27 18.26 2.43
N ASP A 546 -7.49 17.32 3.39
CA ASP A 546 -7.79 17.67 4.78
C ASP A 546 -6.78 17.29 5.88
N ALA A 547 -5.75 16.48 5.56
CA ALA A 547 -4.82 16.05 6.61
C ALA A 547 -3.34 16.38 6.41
N ARG A 548 -3.00 17.13 5.34
CA ARG A 548 -1.66 17.57 4.94
C ARG A 548 -0.86 16.39 4.39
S SO4 B . -7.77 -12.37 -3.73
O1 SO4 B . -8.71 -11.24 -3.82
O2 SO4 B . -8.32 -13.56 -4.41
O3 SO4 B . -6.47 -12.00 -4.33
O4 SO4 B . -7.53 -12.68 -2.33
S SO4 C . -20.21 -1.53 16.92
O1 SO4 C . -21.33 -1.64 16.01
O2 SO4 C . -18.96 -1.90 16.21
O3 SO4 C . -20.08 -0.15 17.42
O4 SO4 C . -20.43 -2.42 18.07
S DMS D . 14.43 -4.99 -4.78
O DMS D . 15.70 -4.88 -4.10
C1 DMS D . 13.39 -6.28 -4.06
C2 DMS D . 14.69 -5.63 -6.48
C1 PEG E . -19.39 -6.30 33.30
O1 PEG E . -18.01 -5.86 33.29
C2 PEG E . -19.72 -7.46 32.38
O2 PEG E . -20.03 -7.07 31.00
C3 PEG E . -21.22 -7.70 30.49
C4 PEG E . -20.97 -8.76 29.43
O4 PEG E . -20.22 -9.92 29.88
C4 KUF F . -22.39 -12.87 13.34
C3 KUF F . -23.44 -12.27 12.69
C12 KUF F . -21.90 -10.40 12.31
C5 KUF F . -21.15 -12.29 13.50
C11 KUF F . -20.83 -11.02 12.98
C2 KUF F . -23.19 -11.01 12.15
C6 KUF F . -20.15 -13.05 14.22
C7 KUF F . -18.93 -12.59 14.42
C9 KUF F . -19.42 -10.51 13.23
C1 KUF F . -24.30 -10.36 11.44
N8 KUF F . -18.62 -11.37 13.94
O10 KUF F . -18.88 -9.48 12.93
C4 KUF G . -21.64 -6.94 9.29
C4 KUF G . -22.11 -6.85 8.62
C3 KUF G . -22.43 -6.65 8.22
C3 KUF G . -21.58 -6.62 9.87
C12 KUF G . -22.01 -8.89 7.29
C12 KUF G . -20.63 -8.87 9.84
C5 KUF G . -21.04 -8.18 9.35
C5 KUF G . -21.91 -8.03 7.98
C11 KUF G . -21.21 -9.18 8.35
C11 KUF G . -21.15 -9.08 8.58
C2 KUF G . -22.59 -7.63 7.25
C2 KUF G . -20.87 -7.63 10.49
C6 KUF G . -20.22 -8.39 10.49
C6 KUF G . -22.47 -8.16 6.67
C7 KUF G . -19.64 -9.54 10.54
C7 KUF G . -22.28 -9.30 6.03
C9 KUF G . -20.56 -10.45 8.48
C9 KUF G . -20.97 -10.31 7.84
C1 KUF G . -23.41 -7.36 6.16
C1 KUF G . -20.39 -7.31 11.81
N8 KUF G . -19.83 -10.51 9.64
N8 KUF G . -21.57 -10.31 6.59
O10 KUF G . -20.62 -11.39 7.69
O10 KUF G . -20.35 -11.26 8.24
C4 KUF H . -21.94 2.38 20.29
C3 KUF H . -21.30 3.56 20.72
C12 KUF H . -20.31 2.25 22.56
C5 KUF H . -21.75 1.19 21.02
C11 KUF H . -20.96 1.12 22.15
C2 KUF H . -20.49 3.45 21.88
C6 KUF H . -22.39 -0.05 20.62
C7 KUF H . -22.31 -1.22 21.25
C9 KUF H . -20.86 -0.15 22.82
C1 KUF H . -19.77 4.62 22.42
N8 KUF H . -21.53 -1.22 22.32
O10 KUF H . -20.20 -0.33 23.79
C4 KUF I . -26.72 2.06 18.38
C4 KUF I . -25.53 1.40 17.35
C3 KUF I . -25.74 1.19 18.14
C3 KUF I . -26.30 2.02 16.36
C12 KUF I . -25.06 1.22 20.53
C12 KUF I . -27.60 3.13 18.09
C5 KUF I . -26.88 2.59 19.69
C5 KUF I . -25.79 1.66 18.68
C11 KUF I . -26.06 2.17 20.81
C11 KUF I . -26.83 2.51 19.08
C2 KUF I . -24.98 0.79 19.17
C2 KUF I . -27.33 2.85 16.75
C6 KUF I . -27.92 3.56 19.89
C6 KUF I . -24.98 1.02 19.66
C7 KUF I . -28.03 4.07 21.14
C7 KUF I . -25.24 1.26 20.97
C9 KUF I . -26.23 2.72 22.17
C9 KUF I . -27.06 2.77 20.49
C1 KUF I . -24.07 -0.18 18.56
C1 KUF I . -28.14 3.47 15.70
N8 KUF I . -27.24 3.66 22.22
N8 KUF I . -26.20 2.09 21.37
O10 KUF I . -25.56 2.41 23.16
O10 KUF I . -27.92 3.51 20.88
#